data_7LCK
#
_entry.id   7LCK
#
_cell.length_a   1.00
_cell.length_b   1.00
_cell.length_c   1.00
_cell.angle_alpha   90.00
_cell.angle_beta   90.00
_cell.angle_gamma   90.00
#
_symmetry.space_group_name_H-M   'P 1'
#
loop_
_entity.id
_entity.type
_entity.pdbx_description
1 polymer 'Glucagon-like peptide 1 receptor'
2 non-polymer '2-[(4-{6-[(4-cyano-2-fluorophenyl)methoxy]pyridin-2-yl}piperidin-1-yl)methyl]-1-{[(2S)-oxetan-2-yl]methyl}-1H-benzimidazole-6-carboxylic acid'
3 water water
#
_entity_poly.entity_id   1
_entity_poly.type   'polypeptide(L)'
_entity_poly.pdbx_seq_one_letter_code
;MKTIIALSYIFCLVFADYKDDDDLEVLFQGPARPQGATVSLWETVQKWREYRRQCQRSLTEDPPPATDLFCNRTFDEYAC
WPDGEPGSFVNVSCPWYLPWASSVPQGHVYRFCTAEGLWLQKDNSSLPWRDLSECEESKRGERSSPEEQLLFLYIIYTVG
YALSFSALVIASAILLGFRHLHCTRNYIHLNLFASFILRALSVFIKDAALKWMYSTAAQQHQWDGLLSYQDSLSCRLVFL
LMQYCVAANYYWLLVEGVYLYTLLAFSVFSEQWIFRLYVSIGWGVPLLFVVPWGIVKYLYEDEGCWTRNSNMNYWLIIRL
PILFAIGVNFLIFVRVICIVVSKLKANLMCKTDIKCRLAKSTLTLIPLLGTHEVIFAFVMDEHARGTLRFIKLFTELSFT
SFQGLMVAILYCFVNNEVQLEFRKSWERWRLEHLHIQRDSSMKPLKCPTSSLSSGATAGSSMYTATCQASCSPAGLEVLF
QGPHHHHHHHH
;
_entity_poly.pdbx_strand_id   R
#
# COMPACT_ATOMS: atom_id res chain seq x y z
N ALA A 37 -9.80 19.19 7.03
CA ALA A 37 -9.23 18.28 6.05
C ALA A 37 -7.70 18.23 6.17
N THR A 38 -7.12 17.15 5.66
CA THR A 38 -5.68 16.95 5.68
C THR A 38 -5.13 17.08 4.27
N VAL A 39 -4.08 17.90 4.12
CA VAL A 39 -3.37 18.03 2.87
C VAL A 39 -1.88 17.85 3.15
N SER A 40 -1.14 17.51 2.10
CA SER A 40 0.28 17.25 2.23
C SER A 40 0.94 17.61 0.91
N LEU A 41 2.17 17.13 0.69
CA LEU A 41 2.84 17.34 -0.58
C LEU A 41 2.10 16.64 -1.72
N TRP A 42 1.45 15.52 -1.43
CA TRP A 42 0.72 14.79 -2.46
C TRP A 42 -0.32 15.68 -3.13
N GLU A 43 -1.17 16.31 -2.33
CA GLU A 43 -2.22 17.16 -2.88
C GLU A 43 -1.63 18.38 -3.57
N THR A 44 -0.52 18.92 -3.05
CA THR A 44 0.11 20.06 -3.68
C THR A 44 0.60 19.73 -5.07
N VAL A 45 1.26 18.57 -5.24
CA VAL A 45 1.74 18.19 -6.55
C VAL A 45 0.57 17.87 -7.49
N GLN A 46 -0.50 17.26 -6.96
CA GLN A 46 -1.64 16.95 -7.80
C GLN A 46 -2.31 18.22 -8.32
N LYS A 47 -2.37 19.27 -7.49
CA LYS A 47 -2.88 20.55 -7.97
C LYS A 47 -1.89 21.22 -8.92
N TRP A 48 -0.59 21.05 -8.69
CA TRP A 48 0.40 21.64 -9.57
C TRP A 48 0.30 21.07 -10.97
N ARG A 49 -0.04 19.77 -11.09
CA ARG A 49 -0.24 19.18 -12.41
C ARG A 49 -1.30 19.94 -13.21
N GLU A 50 -2.46 20.16 -12.60
CA GLU A 50 -3.53 20.88 -13.29
C GLU A 50 -3.12 22.32 -13.57
N TYR A 51 -2.43 22.96 -12.63
CA TYR A 51 -1.98 24.34 -12.87
C TYR A 51 -1.02 24.41 -14.04
N ARG A 52 -0.07 23.49 -14.11
CA ARG A 52 0.89 23.48 -15.21
C ARG A 52 0.21 23.23 -16.54
N ARG A 53 -0.73 22.27 -16.58
CA ARG A 53 -1.44 22.00 -17.83
C ARG A 53 -2.25 23.21 -18.28
N GLN A 54 -2.95 23.86 -17.34
CA GLN A 54 -3.74 25.04 -17.66
C GLN A 54 -2.87 26.16 -18.20
N CYS A 55 -1.77 26.47 -17.49
CA CYS A 55 -0.89 27.55 -17.93
C CYS A 55 -0.24 27.22 -19.26
N GLN A 56 0.12 25.96 -19.49
CA GLN A 56 0.72 25.58 -20.76
C GLN A 56 -0.27 25.74 -21.91
N ARG A 57 -1.53 25.38 -21.69
CA ARG A 57 -2.54 25.60 -22.72
C ARG A 57 -2.72 27.09 -23.00
N SER A 58 -2.89 27.89 -21.95
CA SER A 58 -3.06 29.34 -22.14
C SER A 58 -1.80 30.00 -22.66
N LEU A 59 -0.66 29.32 -22.59
CA LEU A 59 0.58 29.89 -23.08
C LEU A 59 0.54 30.07 -24.60
N THR A 60 -0.03 29.09 -25.31
CA THR A 60 -0.20 29.18 -26.76
C THR A 60 -1.55 29.73 -27.16
N GLU A 61 -2.60 29.46 -26.37
CA GLU A 61 -3.93 29.95 -26.72
C GLU A 61 -4.05 31.46 -26.59
N ASP A 62 -3.17 32.11 -25.84
CA ASP A 62 -3.24 33.55 -25.63
C ASP A 62 -2.77 34.28 -26.87
N PRO A 63 -3.56 35.17 -27.46
CA PRO A 63 -3.11 35.87 -28.66
C PRO A 63 -1.90 36.73 -28.36
N PRO A 64 -0.91 36.74 -29.25
CA PRO A 64 0.26 37.59 -29.05
C PRO A 64 -0.08 39.06 -29.21
N PRO A 65 0.64 39.95 -28.54
CA PRO A 65 0.39 41.38 -28.73
C PRO A 65 0.80 41.84 -30.11
N ALA A 66 0.09 42.85 -30.61
CA ALA A 66 0.41 43.39 -31.93
C ALA A 66 1.74 44.12 -31.93
N THR A 67 2.08 44.83 -30.86
CA THR A 67 3.33 45.56 -30.79
C THR A 67 4.49 44.61 -30.52
N ASP A 68 5.70 45.11 -30.68
CA ASP A 68 6.92 44.34 -30.50
C ASP A 68 7.68 44.93 -29.32
N LEU A 69 8.93 44.47 -29.13
CA LEU A 69 9.81 44.88 -28.05
C LEU A 69 9.34 44.33 -26.69
N PHE A 70 8.28 43.53 -26.70
CA PHE A 70 7.73 42.97 -25.47
C PHE A 70 8.69 41.97 -24.83
N CYS A 71 8.51 41.76 -23.53
CA CYS A 71 9.28 40.77 -22.79
C CYS A 71 8.57 39.42 -22.88
N ASN A 72 9.34 38.36 -23.12
CA ASN A 72 8.80 37.07 -23.51
C ASN A 72 8.16 36.36 -22.33
N ARG A 73 6.97 35.82 -22.54
CA ARG A 73 6.25 35.07 -21.51
C ARG A 73 6.83 33.67 -21.36
N THR A 74 6.56 33.06 -20.21
CA THR A 74 7.11 31.73 -19.92
C THR A 74 6.39 31.16 -18.69
N PHE A 75 6.74 29.92 -18.37
CA PHE A 75 6.34 29.25 -17.13
C PHE A 75 7.59 28.58 -16.58
N ASP A 76 8.02 29.00 -15.39
CA ASP A 76 9.32 28.60 -14.84
C ASP A 76 9.20 27.85 -13.51
N GLU A 77 8.30 26.87 -13.45
CA GLU A 77 8.14 25.94 -12.34
C GLU A 77 7.52 26.59 -11.11
N TYR A 78 7.28 27.88 -11.14
CA TYR A 78 6.61 28.56 -10.04
C TYR A 78 5.31 29.22 -10.45
N ALA A 79 5.31 29.99 -11.53
CA ALA A 79 4.12 30.65 -12.03
C ALA A 79 4.29 30.91 -13.52
N CYS A 80 3.17 31.12 -14.21
CA CYS A 80 3.20 31.33 -15.65
C CYS A 80 3.04 32.83 -15.93
N TRP A 81 4.18 33.52 -15.96
CA TRP A 81 4.16 34.95 -16.26
C TRP A 81 3.78 35.21 -17.70
N PRO A 82 2.97 36.25 -17.96
CA PRO A 82 2.60 36.58 -19.34
C PRO A 82 3.52 37.61 -19.98
N ASP A 83 3.18 38.02 -21.20
CA ASP A 83 3.93 39.08 -21.85
C ASP A 83 3.80 40.38 -21.08
N GLY A 84 4.92 41.06 -20.89
CA GLY A 84 4.94 42.31 -20.15
C GLY A 84 5.51 43.43 -20.98
N GLU A 85 4.77 44.54 -21.03
CA GLU A 85 5.23 45.69 -21.79
C GLU A 85 6.48 46.27 -21.14
N PRO A 86 7.47 46.67 -21.95
CA PRO A 86 8.76 47.06 -21.38
C PRO A 86 8.68 48.30 -20.52
N GLY A 87 9.54 48.34 -19.49
CA GLY A 87 9.63 49.49 -18.63
C GLY A 87 8.77 49.46 -17.39
N SER A 88 8.14 48.32 -17.08
CA SER A 88 7.29 48.21 -15.90
C SER A 88 7.29 46.76 -15.43
N PHE A 89 6.71 46.54 -14.25
CA PHE A 89 6.61 45.21 -13.67
C PHE A 89 5.52 44.40 -14.35
N VAL A 90 5.42 43.14 -13.94
CA VAL A 90 4.30 42.26 -14.29
C VAL A 90 3.66 41.78 -12.99
N ASN A 91 2.36 41.95 -12.88
CA ASN A 91 1.65 41.67 -11.63
C ASN A 91 0.79 40.43 -11.82
N VAL A 92 1.38 39.27 -11.50
CA VAL A 92 0.67 38.00 -11.52
C VAL A 92 0.13 37.72 -10.13
N SER A 93 -1.09 37.20 -10.05
CA SER A 93 -1.62 36.81 -8.77
C SER A 93 -0.88 35.58 -8.26
N CYS A 94 -0.94 35.38 -6.94
CA CYS A 94 -0.19 34.30 -6.34
C CYS A 94 -0.75 32.95 -6.84
N PRO A 95 0.12 32.00 -7.17
CA PRO A 95 -0.37 30.71 -7.67
C PRO A 95 -1.26 30.03 -6.66
N TRP A 96 -2.29 29.35 -7.15
CA TRP A 96 -3.33 28.80 -6.29
C TRP A 96 -3.12 27.33 -5.94
N TYR A 97 -2.01 26.73 -6.33
CA TYR A 97 -1.71 25.38 -5.92
C TYR A 97 -0.97 25.32 -4.59
N LEU A 98 -0.55 26.46 -4.05
CA LEU A 98 0.18 26.47 -2.80
C LEU A 98 -0.76 26.15 -1.64
N PRO A 99 -0.27 25.44 -0.62
CA PRO A 99 -1.16 25.11 0.51
C PRO A 99 -1.68 26.33 1.25
N TRP A 100 -0.91 27.41 1.29
CA TRP A 100 -1.28 28.63 1.99
C TRP A 100 -1.87 29.69 1.05
N ALA A 101 -2.18 29.32 -0.19
CA ALA A 101 -2.59 30.31 -1.17
C ALA A 101 -4.00 30.86 -0.93
N SER A 102 -4.76 30.24 -0.02
CA SER A 102 -6.11 30.72 0.29
C SER A 102 -6.12 31.77 1.39
N SER A 103 -5.13 31.78 2.27
CA SER A 103 -5.11 32.74 3.37
C SER A 103 -4.99 34.17 2.85
N VAL A 104 -4.16 34.39 1.84
CA VAL A 104 -3.98 35.72 1.26
C VAL A 104 -4.12 35.63 -0.25
N PRO A 105 -5.36 35.57 -0.77
CA PRO A 105 -5.58 35.50 -2.22
C PRO A 105 -5.60 36.87 -2.90
N GLN A 106 -4.70 37.76 -2.48
CA GLN A 106 -4.48 39.00 -3.19
C GLN A 106 -3.01 39.39 -3.26
N GLY A 107 -2.10 38.57 -2.74
CA GLY A 107 -0.69 38.84 -2.90
C GLY A 107 -0.27 38.67 -4.35
N HIS A 108 0.73 39.45 -4.76
CA HIS A 108 1.21 39.44 -6.13
C HIS A 108 2.71 39.15 -6.11
N VAL A 109 3.13 38.12 -6.83
CA VAL A 109 4.55 37.93 -7.08
C VAL A 109 4.99 38.91 -8.16
N TYR A 110 6.06 39.65 -7.90
CA TYR A 110 6.45 40.78 -8.73
C TYR A 110 7.72 40.45 -9.50
N ARG A 111 7.69 40.69 -10.82
CA ARG A 111 8.86 40.56 -11.66
C ARG A 111 8.94 41.77 -12.59
N PHE A 112 10.16 42.18 -12.93
CA PHE A 112 10.41 43.37 -13.73
C PHE A 112 11.28 43.02 -14.93
N CYS A 113 10.97 43.63 -16.07
CA CYS A 113 11.81 43.50 -17.26
C CYS A 113 12.17 44.88 -17.78
N THR A 114 13.36 44.97 -18.37
CA THR A 114 13.93 46.24 -18.77
C THR A 114 13.08 46.87 -19.89
N ALA A 115 13.14 48.20 -19.99
CA ALA A 115 12.45 48.91 -21.06
C ALA A 115 12.98 48.51 -22.43
N GLU A 116 14.15 47.89 -22.49
CA GLU A 116 14.65 47.36 -23.74
C GLU A 116 14.07 45.99 -24.07
N GLY A 117 13.31 45.39 -23.17
CA GLY A 117 12.70 44.11 -23.44
C GLY A 117 13.51 42.92 -22.97
N LEU A 118 13.88 42.91 -21.69
CA LEU A 118 14.69 41.85 -21.11
C LEU A 118 14.38 41.71 -19.62
N TRP A 119 14.09 40.48 -19.20
CA TRP A 119 13.83 40.23 -17.79
C TRP A 119 15.06 40.61 -16.97
N LEU A 120 14.84 41.28 -15.84
CA LEU A 120 15.94 41.86 -15.09
C LEU A 120 16.82 40.78 -14.45
N GLN A 121 18.13 40.91 -14.65
CA GLN A 121 19.09 39.93 -14.15
C GLN A 121 19.41 40.18 -12.68
N LYS A 122 19.56 39.09 -11.92
CA LYS A 122 19.91 39.22 -10.52
C LYS A 122 21.43 39.19 -10.36
N ASP A 123 21.90 39.55 -9.17
CA ASP A 123 23.33 39.64 -8.90
C ASP A 123 23.99 38.28 -9.01
N ASN A 124 25.26 38.28 -9.43
CA ASN A 124 26.06 37.07 -9.61
C ASN A 124 25.53 36.21 -10.76
N SER A 125 24.82 36.85 -11.69
CA SER A 125 24.40 36.25 -12.96
C SER A 125 23.71 34.89 -12.75
N SER A 126 22.54 34.97 -12.11
CA SER A 126 21.68 33.82 -11.90
C SER A 126 20.33 34.05 -12.59
N LEU A 127 19.36 33.18 -12.28
CA LEU A 127 17.99 33.25 -12.79
C LEU A 127 17.44 34.67 -12.69
N PRO A 128 16.57 35.10 -13.61
CA PRO A 128 16.11 36.49 -13.59
C PRO A 128 15.45 36.85 -12.27
N TRP A 129 15.65 38.11 -11.86
CA TRP A 129 15.18 38.59 -10.57
C TRP A 129 13.66 38.56 -10.49
N ARG A 130 13.15 38.18 -9.32
CA ARG A 130 11.72 38.23 -9.05
C ARG A 130 11.52 38.39 -7.55
N ASP A 131 10.51 39.17 -7.17
CA ASP A 131 10.23 39.44 -5.76
C ASP A 131 9.15 38.49 -5.28
N LEU A 132 9.41 37.80 -4.18
CA LEU A 132 8.57 36.71 -3.71
C LEU A 132 7.96 36.99 -2.33
N SER A 133 8.26 38.14 -1.73
CA SER A 133 7.96 38.38 -0.33
C SER A 133 6.47 38.50 -0.04
N GLU A 134 5.61 38.63 -1.06
CA GLU A 134 4.20 38.91 -0.81
C GLU A 134 3.51 37.69 -0.20
N CYS A 135 3.48 36.57 -0.93
CA CYS A 135 2.82 35.35 -0.46
C CYS A 135 3.88 34.28 -0.23
N GLU A 136 4.04 33.87 1.03
CA GLU A 136 5.04 32.88 1.40
C GLU A 136 4.71 32.38 2.80
N GLU A 137 5.03 31.12 3.05
CA GLU A 137 4.91 30.55 4.38
C GLU A 137 6.22 29.89 4.82
N SER A 144 3.75 14.93 14.22
CA SER A 144 3.60 16.31 13.77
C SER A 144 2.86 16.37 12.44
N SER A 145 3.56 16.79 11.39
CA SER A 145 2.97 16.86 10.07
C SER A 145 2.74 15.46 9.51
N PRO A 146 1.86 15.32 8.50
CA PRO A 146 1.62 13.99 7.93
C PRO A 146 2.85 13.35 7.31
N GLU A 147 3.82 14.14 6.81
CA GLU A 147 4.99 13.55 6.20
C GLU A 147 5.82 12.77 7.21
N GLU A 148 6.11 13.38 8.36
CA GLU A 148 6.84 12.70 9.43
C GLU A 148 6.06 11.50 9.95
N GLN A 149 4.74 11.66 10.11
CA GLN A 149 3.90 10.55 10.56
C GLN A 149 4.04 9.36 9.63
N LEU A 150 3.86 9.59 8.33
CA LEU A 150 3.98 8.51 7.36
C LEU A 150 5.38 7.91 7.37
N LEU A 151 6.42 8.72 7.61
CA LEU A 151 7.77 8.18 7.66
C LEU A 151 7.94 7.21 8.82
N PHE A 152 7.31 7.44 9.98
CA PHE A 152 7.47 6.52 11.14
C PHE A 152 6.65 5.24 10.94
N LEU A 153 5.41 5.35 10.44
CA LEU A 153 4.59 4.14 10.15
C LEU A 153 5.36 3.30 9.14
N TYR A 154 5.97 3.93 8.15
CA TYR A 154 6.80 3.17 7.20
C TYR A 154 7.92 2.43 7.92
N ILE A 155 8.65 3.05 8.84
CA ILE A 155 9.82 2.35 9.46
C ILE A 155 9.36 1.13 10.26
N ILE A 156 8.29 1.28 11.06
CA ILE A 156 7.77 0.12 11.85
C ILE A 156 7.28 -0.99 10.92
N TYR A 157 6.56 -0.65 9.85
CA TYR A 157 6.10 -1.67 8.89
C TYR A 157 7.23 -2.35 8.14
N THR A 158 8.26 -1.65 7.69
CA THR A 158 9.38 -2.36 7.03
C THR A 158 10.03 -3.31 8.04
N VAL A 159 10.26 -2.87 9.28
CA VAL A 159 10.96 -3.75 10.27
C VAL A 159 10.10 -4.99 10.50
N GLY A 160 8.79 -4.82 10.65
CA GLY A 160 7.90 -5.97 10.82
C GLY A 160 7.87 -6.89 9.62
N TYR A 161 7.74 -6.36 8.42
CA TYR A 161 7.60 -7.24 7.26
C TYR A 161 8.97 -7.88 7.04
N ALA A 162 9.99 -7.39 7.73
CA ALA A 162 11.37 -7.90 7.53
C ALA A 162 11.71 -8.93 8.59
N LEU A 163 11.05 -8.84 9.75
CA LEU A 163 11.02 -9.93 10.73
C LEU A 163 10.14 -11.08 10.24
N SER A 164 8.99 -10.77 9.65
CA SER A 164 8.11 -11.83 9.14
C SER A 164 8.77 -12.59 8.00
N PHE A 165 9.45 -11.88 7.10
CA PHE A 165 10.17 -12.53 6.01
C PHE A 165 11.21 -13.51 6.55
N SER A 166 12.02 -13.06 7.52
CA SER A 166 13.06 -13.93 8.06
C SER A 166 12.46 -15.15 8.75
N ALA A 167 11.46 -14.92 9.61
CA ALA A 167 10.86 -16.03 10.34
C ALA A 167 10.24 -17.05 9.39
N LEU A 168 9.53 -16.57 8.37
CA LEU A 168 8.83 -17.48 7.49
C LEU A 168 9.77 -18.22 6.54
N VAL A 169 10.89 -17.59 6.14
CA VAL A 169 11.81 -18.34 5.30
C VAL A 169 12.49 -19.45 6.11
N ILE A 170 12.86 -19.17 7.35
CA ILE A 170 13.43 -20.24 8.19
C ILE A 170 12.40 -21.33 8.45
N ALA A 171 11.15 -20.94 8.72
CA ALA A 171 10.11 -21.93 8.99
C ALA A 171 9.82 -22.80 7.78
N SER A 172 9.77 -22.21 6.59
CA SER A 172 9.59 -23.01 5.38
C SER A 172 10.75 -23.97 5.18
N ALA A 173 11.98 -23.51 5.44
CA ALA A 173 13.12 -24.41 5.35
C ALA A 173 12.97 -25.60 6.30
N ILE A 174 12.55 -25.33 7.54
CA ILE A 174 12.40 -26.40 8.53
C ILE A 174 11.31 -27.37 8.12
N LEU A 175 10.17 -26.86 7.65
CA LEU A 175 9.06 -27.72 7.27
C LEU A 175 9.34 -28.48 5.97
N LEU A 176 10.31 -28.02 5.17
CA LEU A 176 10.66 -28.75 3.95
C LEU A 176 11.81 -29.74 4.18
N GLY A 177 12.67 -29.50 5.15
CA GLY A 177 13.82 -30.36 5.37
C GLY A 177 13.46 -31.76 5.78
N PHE A 178 12.56 -31.91 6.74
CA PHE A 178 12.22 -33.22 7.29
C PHE A 178 11.11 -33.87 6.49
N ARG A 179 11.29 -35.16 6.18
CA ARG A 179 10.29 -35.93 5.44
C ARG A 179 9.18 -36.45 6.32
N HIS A 180 9.35 -36.42 7.65
CA HIS A 180 8.30 -36.84 8.55
C HIS A 180 7.19 -35.79 8.65
N LEU A 181 7.48 -34.56 8.26
CA LEU A 181 6.50 -33.47 8.25
C LEU A 181 5.98 -33.21 6.84
N HIS A 182 5.31 -34.20 6.25
CA HIS A 182 4.69 -34.04 4.94
C HIS A 182 3.25 -34.54 5.02
N CYS A 183 2.35 -33.66 5.46
CA CYS A 183 0.93 -33.90 5.48
C CYS A 183 0.29 -33.15 4.31
N THR A 184 -1.03 -33.05 4.31
CA THR A 184 -1.67 -32.08 3.43
C THR A 184 -1.83 -30.73 4.12
N ARG A 185 -2.09 -30.75 5.44
CA ARG A 185 -2.13 -29.48 6.18
C ARG A 185 -0.79 -28.78 6.17
N ASN A 186 0.31 -29.54 6.16
CA ASN A 186 1.62 -28.89 6.05
C ASN A 186 1.85 -28.32 4.66
N TYR A 187 1.29 -28.96 3.62
CA TYR A 187 1.35 -28.36 2.30
C TYR A 187 0.59 -27.04 2.24
N ILE A 188 -0.59 -26.99 2.86
CA ILE A 188 -1.34 -25.75 2.93
C ILE A 188 -0.54 -24.69 3.70
N HIS A 189 0.11 -25.10 4.79
CA HIS A 189 0.93 -24.18 5.56
C HIS A 189 2.07 -23.60 4.73
N LEU A 190 2.77 -24.44 3.96
CA LEU A 190 3.85 -23.94 3.12
C LEU A 190 3.34 -22.97 2.07
N ASN A 191 2.18 -23.26 1.47
CA ASN A 191 1.63 -22.32 0.51
C ASN A 191 1.29 -20.98 1.18
N LEU A 192 0.75 -21.03 2.40
CA LEU A 192 0.46 -19.80 3.13
C LEU A 192 1.75 -19.01 3.43
N PHE A 193 2.80 -19.71 3.83
CA PHE A 193 4.06 -19.04 4.12
C PHE A 193 4.63 -18.38 2.87
N ALA A 194 4.54 -19.08 1.72
CA ALA A 194 4.98 -18.50 0.46
C ALA A 194 4.17 -17.26 0.12
N SER A 195 2.87 -17.28 0.41
CA SER A 195 2.03 -16.10 0.18
C SER A 195 2.50 -14.92 1.02
N PHE A 196 2.78 -15.16 2.31
CA PHE A 196 3.25 -14.08 3.18
C PHE A 196 4.57 -13.50 2.69
N ILE A 197 5.49 -14.38 2.28
CA ILE A 197 6.80 -13.92 1.81
C ILE A 197 6.66 -13.10 0.54
N LEU A 198 5.81 -13.54 -0.39
CA LEU A 198 5.57 -12.74 -1.60
C LEU A 198 4.99 -11.38 -1.27
N ARG A 199 4.05 -11.32 -0.32
CA ARG A 199 3.47 -10.02 0.04
C ARG A 199 4.53 -9.07 0.60
N ALA A 200 5.36 -9.57 1.53
CA ALA A 200 6.40 -8.76 2.13
C ALA A 200 7.51 -8.40 1.16
N LEU A 201 7.70 -9.15 0.08
CA LEU A 201 8.65 -8.75 -0.95
C LEU A 201 8.05 -7.71 -1.88
N SER A 202 6.74 -7.73 -2.08
CA SER A 202 6.11 -6.72 -2.96
C SER A 202 6.14 -5.31 -2.36
N VAL A 203 5.88 -5.14 -1.06
CA VAL A 203 5.85 -3.79 -0.43
C VAL A 203 7.23 -3.15 -0.53
N PHE A 204 8.30 -3.93 -0.35
CA PHE A 204 9.69 -3.40 -0.50
C PHE A 204 9.92 -2.91 -1.93
N ILE A 205 9.51 -3.67 -2.93
CA ILE A 205 9.65 -3.24 -4.36
C ILE A 205 8.83 -1.96 -4.61
N LYS A 206 7.62 -1.83 -4.07
CA LYS A 206 6.87 -0.56 -4.29
C LYS A 206 7.57 0.62 -3.61
N ASP A 207 8.06 0.46 -2.37
CA ASP A 207 8.58 1.62 -1.62
C ASP A 207 10.01 1.95 -1.99
N ALA A 208 10.70 1.07 -2.71
CA ALA A 208 12.08 1.33 -3.16
C ALA A 208 12.12 1.46 -4.67
N ALA A 209 11.03 1.17 -5.37
CA ALA A 209 10.96 1.71 -6.72
C ALA A 209 10.85 3.23 -6.69
N LEU A 210 9.78 3.76 -6.10
CA LEU A 210 9.66 5.19 -5.85
C LEU A 210 10.22 5.46 -4.46
N LYS A 211 11.28 6.26 -4.39
CA LYS A 211 11.90 6.59 -3.11
C LYS A 211 11.22 7.83 -2.53
N TRP A 212 9.96 7.63 -2.14
CA TRP A 212 9.18 8.70 -1.53
C TRP A 212 9.69 9.08 -0.14
N MET A 213 10.55 8.26 0.46
CA MET A 213 10.97 8.49 1.84
C MET A 213 12.14 9.47 1.94
N TYR A 214 12.73 9.83 0.82
CA TYR A 214 13.71 10.91 0.78
C TYR A 214 13.14 12.19 0.19
N SER A 215 12.20 12.08 -0.75
CA SER A 215 11.68 13.20 -1.52
C SER A 215 10.40 13.76 -0.93
N THR A 216 10.24 13.72 0.38
CA THR A 216 9.06 14.30 1.02
C THR A 216 9.26 15.76 1.39
N ALA A 217 10.42 16.33 1.06
CA ALA A 217 10.72 17.74 1.23
C ALA A 217 11.16 18.35 -0.09
N ALA A 218 10.45 18.01 -1.17
CA ALA A 218 10.84 18.42 -2.51
C ALA A 218 10.41 19.85 -2.80
N GLN A 219 11.28 20.57 -3.51
CA GLN A 219 11.01 21.94 -3.91
C GLN A 219 10.33 21.93 -5.29
N GLN A 220 10.11 23.12 -5.86
CA GLN A 220 9.39 23.21 -7.13
C GLN A 220 10.13 22.49 -8.26
N HIS A 221 11.45 22.59 -8.28
CA HIS A 221 12.21 22.11 -9.42
C HIS A 221 12.30 20.58 -9.50
N GLN A 222 11.66 19.84 -8.58
CA GLN A 222 11.66 18.39 -8.64
C GLN A 222 10.27 17.80 -8.85
N TRP A 223 9.23 18.64 -8.95
CA TRP A 223 7.87 18.11 -9.02
C TRP A 223 7.54 17.55 -10.39
N ASP A 224 8.28 17.92 -11.43
CA ASP A 224 8.06 17.30 -12.73
C ASP A 224 8.57 15.87 -12.74
N GLY A 225 9.70 15.61 -12.07
CA GLY A 225 10.25 14.27 -12.04
C GLY A 225 9.44 13.31 -11.19
N LEU A 226 8.62 13.83 -10.28
CA LEU A 226 7.73 12.98 -9.50
C LEU A 226 6.52 12.56 -10.32
N LEU A 227 5.84 13.52 -10.94
CA LEU A 227 4.68 13.21 -11.76
C LEU A 227 5.06 12.37 -12.98
N SER A 228 6.21 12.66 -13.58
CA SER A 228 6.67 11.90 -14.73
C SER A 228 6.84 10.42 -14.40
N TYR A 229 7.42 10.14 -13.23
CA TYR A 229 7.51 8.74 -12.81
C TYR A 229 6.15 8.18 -12.43
N GLN A 230 5.27 9.01 -11.86
CA GLN A 230 3.96 8.52 -11.45
C GLN A 230 3.17 7.99 -12.64
N ASP A 231 3.04 8.77 -13.70
CA ASP A 231 2.18 8.36 -14.80
C ASP A 231 2.89 7.51 -15.85
N SER A 232 3.96 6.82 -15.46
CA SER A 232 4.69 5.94 -16.36
C SER A 232 4.08 4.55 -16.33
N LEU A 233 4.77 3.57 -16.91
CA LEU A 233 4.30 2.19 -16.91
C LEU A 233 4.95 1.32 -15.84
N SER A 234 6.20 1.62 -15.46
CA SER A 234 6.84 0.86 -14.41
C SER A 234 6.10 1.00 -13.09
N CYS A 235 5.65 2.21 -12.76
CA CYS A 235 4.84 2.39 -11.57
C CYS A 235 3.56 1.58 -11.65
N ARG A 236 2.89 1.62 -12.81
CA ARG A 236 1.64 0.90 -12.95
C ARG A 236 1.83 -0.60 -12.73
N LEU A 237 2.88 -1.17 -13.30
CA LEU A 237 3.08 -2.61 -13.19
C LEU A 237 3.54 -3.00 -11.79
N VAL A 238 4.46 -2.23 -11.19
CA VAL A 238 4.88 -2.49 -9.83
C VAL A 238 3.74 -2.34 -8.82
N PHE A 239 2.73 -1.54 -9.13
CA PHE A 239 1.59 -1.39 -8.24
C PHE A 239 0.48 -2.39 -8.53
N LEU A 240 0.39 -2.91 -9.75
CA LEU A 240 -0.53 -4.00 -10.04
C LEU A 240 -0.03 -5.34 -9.54
N LEU A 241 1.28 -5.58 -9.52
CA LEU A 241 1.82 -6.78 -8.88
C LEU A 241 1.49 -6.82 -7.40
N MET A 242 1.55 -5.66 -6.75
CA MET A 242 1.24 -5.57 -5.33
C MET A 242 -0.22 -5.89 -5.06
N GLN A 243 -1.10 -5.50 -5.97
CA GLN A 243 -2.52 -5.78 -5.80
C GLN A 243 -2.82 -7.27 -5.86
N TYR A 244 -2.08 -8.01 -6.70
CA TYR A 244 -2.27 -9.46 -6.76
C TYR A 244 -1.64 -10.16 -5.57
N CYS A 245 -0.46 -9.70 -5.14
CA CYS A 245 0.20 -10.33 -4.00
C CYS A 245 -0.55 -10.05 -2.70
N VAL A 246 -1.34 -8.97 -2.65
CA VAL A 246 -2.19 -8.74 -1.49
C VAL A 246 -3.43 -9.60 -1.48
N ALA A 247 -4.04 -9.87 -2.62
CA ALA A 247 -5.24 -10.70 -2.71
C ALA A 247 -4.97 -12.19 -2.58
N ALA A 248 -3.87 -12.69 -3.14
CA ALA A 248 -3.50 -14.08 -2.93
C ALA A 248 -3.35 -14.38 -1.44
N ASN A 249 -2.91 -13.40 -0.66
CA ASN A 249 -2.70 -13.58 0.76
C ASN A 249 -3.99 -13.73 1.54
N TYR A 250 -5.07 -13.07 1.13
CA TYR A 250 -6.37 -13.30 1.73
C TYR A 250 -6.98 -14.61 1.28
N TYR A 251 -6.81 -14.99 0.01
CA TYR A 251 -7.36 -16.24 -0.45
C TYR A 251 -6.66 -17.46 0.13
N TRP A 252 -5.37 -17.39 0.40
CA TRP A 252 -4.64 -18.54 1.03
C TRP A 252 -4.90 -18.59 2.52
N LEU A 253 -5.76 -17.72 3.05
CA LEU A 253 -6.20 -17.76 4.47
C LEU A 253 -7.65 -18.22 4.42
N LEU A 254 -8.32 -18.13 3.26
CA LEU A 254 -9.69 -18.68 3.05
C LEU A 254 -9.47 -20.15 2.77
N VAL A 255 -8.34 -20.48 2.16
CA VAL A 255 -8.10 -21.90 1.93
C VAL A 255 -7.82 -22.62 3.24
N GLU A 256 -7.01 -22.02 4.11
CA GLU A 256 -6.80 -22.60 5.45
C GLU A 256 -8.12 -22.81 6.16
N GLY A 257 -8.97 -21.77 6.19
CA GLY A 257 -10.24 -21.89 6.89
C GLY A 257 -11.12 -22.99 6.32
N VAL A 258 -11.23 -23.04 4.98
CA VAL A 258 -12.10 -24.02 4.36
C VAL A 258 -11.57 -25.43 4.56
N TYR A 259 -10.25 -25.62 4.51
CA TYR A 259 -9.70 -26.96 4.73
C TYR A 259 -9.93 -27.42 6.17
N LEU A 260 -9.74 -26.54 7.14
CA LEU A 260 -10.03 -26.92 8.52
C LEU A 260 -11.51 -27.28 8.67
N TYR A 261 -12.38 -26.48 8.07
CA TYR A 261 -13.81 -26.74 8.20
C TYR A 261 -14.19 -28.07 7.56
N THR A 262 -13.60 -28.39 6.40
CA THR A 262 -13.95 -29.64 5.74
C THR A 262 -13.33 -30.85 6.44
N LEU A 263 -12.26 -30.66 7.23
CA LEU A 263 -11.82 -31.72 8.12
C LEU A 263 -12.81 -31.93 9.25
N LEU A 264 -13.34 -30.85 9.82
CA LEU A 264 -14.25 -30.97 10.95
C LEU A 264 -15.71 -31.17 10.55
N ALA A 265 -16.05 -31.06 9.26
CA ALA A 265 -17.41 -31.33 8.79
C ALA A 265 -17.48 -32.59 7.95
N PHE A 266 -16.42 -33.39 7.96
CA PHE A 266 -16.42 -34.76 7.45
C PHE A 266 -16.71 -34.82 5.95
N SER A 267 -15.84 -34.19 5.18
CA SER A 267 -15.81 -34.34 3.73
C SER A 267 -14.47 -34.96 3.38
N VAL A 268 -14.48 -36.25 3.03
CA VAL A 268 -13.28 -37.04 2.83
C VAL A 268 -13.13 -37.36 1.35
N PHE A 269 -13.59 -36.45 0.51
CA PHE A 269 -13.61 -36.65 -0.94
C PHE A 269 -12.20 -36.91 -1.46
N SER A 270 -12.13 -37.35 -2.72
CA SER A 270 -10.90 -37.70 -3.40
C SER A 270 -9.82 -36.66 -3.18
N GLU A 271 -8.70 -37.08 -2.58
CA GLU A 271 -7.70 -36.12 -2.11
C GLU A 271 -7.08 -35.34 -3.26
N GLN A 272 -6.71 -36.02 -4.34
CA GLN A 272 -6.01 -35.35 -5.43
C GLN A 272 -6.86 -34.25 -6.05
N TRP A 273 -8.15 -34.52 -6.26
CA TRP A 273 -9.06 -33.48 -6.74
C TRP A 273 -9.15 -32.34 -5.74
N ILE A 274 -9.28 -32.65 -4.46
CA ILE A 274 -9.35 -31.62 -3.43
C ILE A 274 -8.06 -30.80 -3.36
N PHE A 275 -6.89 -31.43 -3.43
CA PHE A 275 -5.66 -30.66 -3.34
C PHE A 275 -5.46 -29.77 -4.57
N ARG A 276 -5.75 -30.29 -5.76
CA ARG A 276 -5.63 -29.42 -6.93
C ARG A 276 -6.64 -28.28 -6.87
N LEU A 277 -7.84 -28.54 -6.38
CA LEU A 277 -8.84 -27.48 -6.25
C LEU A 277 -8.38 -26.42 -5.25
N TYR A 278 -7.76 -26.84 -4.15
CA TYR A 278 -7.31 -25.87 -3.16
C TYR A 278 -6.17 -25.02 -3.69
N VAL A 279 -5.18 -25.63 -4.34
CA VAL A 279 -4.09 -24.84 -4.89
C VAL A 279 -4.61 -23.90 -5.97
N SER A 280 -5.59 -24.35 -6.75
CA SER A 280 -6.19 -23.49 -7.77
C SER A 280 -6.86 -22.28 -7.14
N ILE A 281 -7.76 -22.51 -6.17
CA ILE A 281 -8.45 -21.39 -5.53
C ILE A 281 -7.46 -20.48 -4.82
N GLY A 282 -6.33 -21.03 -4.38
CA GLY A 282 -5.33 -20.19 -3.74
C GLY A 282 -4.64 -19.25 -4.71
N TRP A 283 -3.98 -19.81 -5.73
CA TRP A 283 -3.09 -19.03 -6.56
C TRP A 283 -3.69 -18.51 -7.87
N GLY A 284 -4.95 -18.83 -8.19
CA GLY A 284 -5.42 -18.45 -9.49
C GLY A 284 -6.82 -17.91 -9.54
N VAL A 285 -7.46 -17.71 -8.39
CA VAL A 285 -8.74 -17.01 -8.34
C VAL A 285 -8.55 -15.50 -8.35
N PRO A 286 -7.55 -14.92 -7.64
CA PRO A 286 -7.29 -13.49 -7.79
C PRO A 286 -7.32 -12.99 -9.23
N LEU A 287 -6.74 -13.74 -10.16
CA LEU A 287 -6.76 -13.36 -11.56
C LEU A 287 -8.15 -13.29 -12.16
N LEU A 288 -9.19 -13.62 -11.40
CA LEU A 288 -10.56 -13.48 -11.89
C LEU A 288 -11.18 -12.14 -11.51
N PHE A 289 -10.50 -11.34 -10.69
CA PHE A 289 -10.93 -9.97 -10.44
C PHE A 289 -9.78 -8.98 -10.45
N VAL A 290 -8.54 -9.42 -10.70
CA VAL A 290 -7.42 -8.51 -10.80
C VAL A 290 -7.24 -8.01 -12.23
N VAL A 291 -7.25 -8.91 -13.21
CA VAL A 291 -7.05 -8.51 -14.60
C VAL A 291 -8.27 -7.77 -15.18
N PRO A 292 -9.52 -8.00 -14.76
CA PRO A 292 -10.57 -7.08 -15.23
C PRO A 292 -10.38 -5.67 -14.72
N TRP A 293 -10.05 -5.51 -13.44
CA TRP A 293 -9.69 -4.21 -12.91
C TRP A 293 -8.43 -3.66 -13.59
N GLY A 294 -7.42 -4.52 -13.77
CA GLY A 294 -6.17 -4.13 -14.41
C GLY A 294 -6.31 -3.78 -15.87
N ILE A 295 -7.41 -4.17 -16.51
CA ILE A 295 -7.66 -3.81 -17.89
C ILE A 295 -8.53 -2.56 -17.99
N VAL A 296 -9.56 -2.44 -17.13
CA VAL A 296 -10.36 -1.22 -17.17
C VAL A 296 -9.52 -0.01 -16.78
N LYS A 297 -8.65 -0.16 -15.77
CA LYS A 297 -7.79 0.94 -15.38
C LYS A 297 -6.80 1.31 -16.49
N TYR A 298 -6.24 0.30 -17.16
CA TYR A 298 -5.33 0.57 -18.27
C TYR A 298 -6.03 1.32 -19.40
N LEU A 299 -7.15 0.79 -19.88
CA LEU A 299 -7.77 1.37 -21.07
C LEU A 299 -8.41 2.72 -20.78
N TYR A 300 -9.12 2.84 -19.66
CA TYR A 300 -10.07 3.93 -19.45
C TYR A 300 -9.47 5.11 -18.68
N GLU A 301 -8.18 5.07 -18.36
CA GLU A 301 -7.58 6.14 -17.57
C GLU A 301 -6.32 6.65 -18.25
N ASP A 302 -6.21 7.96 -18.33
CA ASP A 302 -5.12 8.63 -19.04
C ASP A 302 -3.92 8.91 -18.16
N GLU A 303 -4.13 9.36 -16.92
CA GLU A 303 -3.04 9.77 -16.05
C GLU A 303 -2.95 8.86 -14.83
N GLY A 304 -2.02 9.18 -13.94
CA GLY A 304 -1.94 8.54 -12.65
C GLY A 304 -1.31 7.17 -12.69
N CYS A 305 -1.11 6.61 -11.50
CA CYS A 305 -0.52 5.29 -11.33
C CYS A 305 -1.55 4.33 -10.75
N TRP A 306 -2.77 4.39 -11.29
CA TRP A 306 -3.87 3.53 -10.87
C TRP A 306 -4.23 3.74 -9.40
N THR A 307 -4.31 5.01 -9.00
CA THR A 307 -4.84 5.36 -7.71
C THR A 307 -6.35 5.57 -7.82
N ARG A 308 -7.02 5.57 -6.68
CA ARG A 308 -8.47 5.58 -6.66
C ARG A 308 -9.02 6.79 -7.40
N ASN A 309 -9.96 6.53 -8.31
CA ASN A 309 -10.52 7.56 -9.16
C ASN A 309 -11.45 8.46 -8.36
N SER A 310 -11.67 9.67 -8.88
CA SER A 310 -12.38 10.69 -8.12
C SER A 310 -13.88 10.44 -8.08
N ASN A 311 -14.54 10.45 -9.25
CA ASN A 311 -15.99 10.33 -9.30
C ASN A 311 -16.47 8.91 -9.58
N MET A 312 -15.71 8.12 -10.33
CA MET A 312 -16.09 6.74 -10.58
C MET A 312 -15.78 5.87 -9.37
N ASN A 313 -16.07 4.58 -9.49
CA ASN A 313 -15.83 3.62 -8.42
C ASN A 313 -15.27 2.33 -8.98
N TYR A 314 -14.29 2.44 -9.89
CA TYR A 314 -13.69 1.26 -10.49
C TYR A 314 -13.01 0.36 -9.46
N TRP A 315 -12.73 0.87 -8.26
CA TRP A 315 -11.94 0.14 -7.29
C TRP A 315 -12.67 -1.06 -6.70
N LEU A 316 -13.98 -1.17 -6.90
CA LEU A 316 -14.75 -2.22 -6.27
C LEU A 316 -14.39 -3.60 -6.80
N ILE A 317 -13.80 -3.68 -7.99
CA ILE A 317 -13.42 -4.96 -8.56
C ILE A 317 -12.31 -5.66 -7.78
N ILE A 318 -11.56 -4.92 -6.95
CA ILE A 318 -10.57 -5.54 -6.08
C ILE A 318 -11.01 -5.65 -4.63
N ARG A 319 -11.74 -4.69 -4.09
CA ARG A 319 -12.04 -4.62 -2.67
C ARG A 319 -13.33 -5.36 -2.35
N LEU A 320 -14.04 -5.81 -3.37
CA LEU A 320 -15.27 -6.54 -3.09
C LEU A 320 -14.97 -8.00 -2.78
N PRO A 321 -14.17 -8.71 -3.59
CA PRO A 321 -13.85 -10.10 -3.24
C PRO A 321 -13.00 -10.24 -2.00
N ILE A 322 -12.14 -9.28 -1.69
CA ILE A 322 -11.36 -9.35 -0.46
C ILE A 322 -12.28 -9.31 0.75
N LEU A 323 -13.27 -8.42 0.73
CA LEU A 323 -14.26 -8.37 1.80
C LEU A 323 -15.06 -9.67 1.87
N PHE A 324 -15.43 -10.21 0.71
CA PHE A 324 -16.15 -11.49 0.68
C PHE A 324 -15.35 -12.59 1.39
N ALA A 325 -14.07 -12.73 1.04
CA ALA A 325 -13.24 -13.77 1.66
C ALA A 325 -13.07 -13.53 3.15
N ILE A 326 -12.93 -12.27 3.56
CA ILE A 326 -12.80 -11.98 4.99
C ILE A 326 -14.04 -12.41 5.74
N GLY A 327 -15.22 -12.11 5.21
CA GLY A 327 -16.45 -12.52 5.88
C GLY A 327 -16.60 -14.03 5.98
N VAL A 328 -16.29 -14.73 4.89
CA VAL A 328 -16.42 -16.19 4.90
C VAL A 328 -15.45 -16.80 5.92
N ASN A 329 -14.22 -16.30 5.98
CA ASN A 329 -13.27 -16.84 6.95
C ASN A 329 -13.70 -16.53 8.38
N PHE A 330 -14.37 -15.40 8.59
CA PHE A 330 -14.92 -15.14 9.93
C PHE A 330 -15.98 -16.17 10.29
N LEU A 331 -16.86 -16.52 9.33
CA LEU A 331 -17.85 -17.56 9.60
C LEU A 331 -17.17 -18.87 9.98
N ILE A 332 -16.14 -19.25 9.26
CA ILE A 332 -15.44 -20.50 9.55
C ILE A 332 -14.81 -20.45 10.94
N PHE A 333 -14.23 -19.31 11.31
CA PHE A 333 -13.63 -19.17 12.63
C PHE A 333 -14.66 -19.38 13.73
N VAL A 334 -15.83 -18.75 13.61
CA VAL A 334 -16.81 -18.87 14.67
C VAL A 334 -17.36 -20.30 14.75
N ARG A 335 -17.52 -20.97 13.61
CA ARG A 335 -17.97 -22.37 13.66
C ARG A 335 -16.94 -23.27 14.33
N VAL A 336 -15.65 -23.10 14.01
CA VAL A 336 -14.63 -23.96 14.60
C VAL A 336 -14.54 -23.72 16.11
N ILE A 337 -14.69 -22.48 16.55
CA ILE A 337 -14.68 -22.22 17.99
C ILE A 337 -15.91 -22.84 18.64
N CYS A 338 -17.06 -22.77 17.97
CA CYS A 338 -18.27 -23.41 18.48
C CYS A 338 -18.11 -24.93 18.61
N ILE A 339 -17.29 -25.55 17.77
CA ILE A 339 -17.01 -26.97 17.91
C ILE A 339 -16.08 -27.24 19.08
N VAL A 340 -15.00 -26.46 19.19
CA VAL A 340 -14.00 -26.71 20.22
C VAL A 340 -14.59 -26.53 21.61
N VAL A 341 -15.48 -25.55 21.78
CA VAL A 341 -16.01 -25.27 23.11
C VAL A 341 -16.83 -26.46 23.61
N SER A 342 -17.66 -27.05 22.74
CA SER A 342 -18.41 -28.23 23.15
C SER A 342 -17.49 -29.42 23.36
N LYS A 343 -16.47 -29.57 22.52
CA LYS A 343 -15.55 -30.69 22.69
C LYS A 343 -14.87 -30.67 24.06
N LEU A 344 -14.44 -29.50 24.52
CA LEU A 344 -13.85 -29.43 25.86
C LEU A 344 -14.89 -29.32 26.97
N LYS A 345 -16.15 -29.03 26.63
CA LYS A 345 -17.20 -29.09 27.64
C LYS A 345 -17.64 -30.52 27.90
N ALA A 346 -17.36 -31.43 26.98
CA ALA A 346 -17.79 -32.81 27.14
C ALA A 346 -17.00 -33.54 28.22
N ASN A 347 -15.76 -33.11 28.50
CA ASN A 347 -14.93 -33.78 29.48
C ASN A 347 -15.19 -33.23 30.88
N LEU A 348 -14.35 -33.63 31.84
CA LEU A 348 -14.46 -33.21 33.22
C LEU A 348 -13.36 -32.20 33.52
N MET A 349 -13.73 -30.94 33.70
CA MET A 349 -12.78 -29.86 33.90
C MET A 349 -13.27 -28.95 35.01
N CYS A 350 -12.34 -28.21 35.59
CA CYS A 350 -12.61 -27.32 36.71
C CYS A 350 -13.20 -26.00 36.20
N LYS A 351 -13.24 -24.99 37.06
CA LYS A 351 -13.83 -23.71 36.67
C LYS A 351 -12.92 -22.95 35.71
N THR A 352 -11.62 -22.89 36.01
CA THR A 352 -10.69 -22.02 35.29
C THR A 352 -9.96 -22.70 34.14
N ASP A 353 -9.91 -24.03 34.10
CA ASP A 353 -9.19 -24.70 33.03
C ASP A 353 -9.92 -24.59 31.69
N ILE A 354 -11.25 -24.63 31.69
CA ILE A 354 -11.98 -24.45 30.44
C ILE A 354 -11.74 -23.05 29.88
N LYS A 355 -11.76 -22.04 30.75
CA LYS A 355 -11.52 -20.67 30.30
C LYS A 355 -10.10 -20.50 29.78
N CYS A 356 -9.12 -21.05 30.50
CA CYS A 356 -7.74 -20.96 30.04
C CYS A 356 -7.55 -21.64 28.70
N ARG A 357 -8.11 -22.84 28.54
CA ARG A 357 -7.95 -23.57 27.29
C ARG A 357 -8.65 -22.87 26.14
N LEU A 358 -9.84 -22.32 26.38
CA LEU A 358 -10.55 -21.60 25.32
C LEU A 358 -9.80 -20.35 24.90
N ALA A 359 -9.26 -19.60 25.86
CA ALA A 359 -8.48 -18.42 25.52
C ALA A 359 -7.23 -18.80 24.72
N LYS A 360 -6.52 -19.86 25.14
CA LYS A 360 -5.34 -20.25 24.41
C LYS A 360 -5.67 -20.72 23.00
N SER A 361 -6.76 -21.47 22.85
CA SER A 361 -7.13 -21.93 21.51
C SER A 361 -7.51 -20.76 20.61
N THR A 362 -8.27 -19.80 21.13
CA THR A 362 -8.64 -18.64 20.31
C THR A 362 -7.42 -17.82 19.91
N LEU A 363 -6.50 -17.59 20.85
CA LEU A 363 -5.31 -16.80 20.54
C LEU A 363 -4.40 -17.56 19.58
N THR A 364 -4.45 -18.88 19.59
CA THR A 364 -3.70 -19.66 18.60
C THR A 364 -4.37 -19.62 17.24
N LEU A 365 -5.68 -19.40 17.14
CA LEU A 365 -6.41 -19.55 15.82
C LEU A 365 -6.62 -18.21 15.10
N ILE A 366 -6.54 -17.08 15.80
CA ILE A 366 -6.71 -15.73 15.18
C ILE A 366 -5.62 -15.44 14.16
N PRO A 367 -4.32 -15.74 14.40
CA PRO A 367 -3.30 -15.55 13.38
C PRO A 367 -3.45 -16.35 12.07
N LEU A 368 -3.83 -17.64 12.12
CA LEU A 368 -3.98 -18.50 10.91
C LEU A 368 -5.19 -18.15 10.04
N LEU A 369 -6.34 -17.82 10.65
CA LEU A 369 -7.57 -17.54 9.88
C LEU A 369 -7.65 -16.04 9.58
N GLY A 370 -6.70 -15.24 10.09
CA GLY A 370 -6.65 -13.78 9.84
C GLY A 370 -7.94 -13.10 10.21
N THR A 371 -8.45 -13.33 11.42
CA THR A 371 -9.78 -12.79 11.82
C THR A 371 -9.68 -11.35 12.35
N HIS A 372 -8.48 -10.79 12.55
CA HIS A 372 -8.33 -9.37 12.97
C HIS A 372 -8.67 -8.42 11.82
N GLU A 373 -8.75 -8.94 10.60
CA GLU A 373 -9.10 -8.14 9.42
C GLU A 373 -10.53 -7.61 9.54
N VAL A 374 -11.44 -8.35 10.15
CA VAL A 374 -12.84 -7.82 10.26
C VAL A 374 -12.85 -6.55 11.11
N ILE A 375 -11.96 -6.40 12.09
CA ILE A 375 -11.84 -5.14 12.88
C ILE A 375 -11.31 -4.06 11.95
N PHE A 376 -10.27 -4.37 11.17
CA PHE A 376 -9.61 -3.37 10.29
C PHE A 376 -10.54 -2.91 9.17
N ALA A 377 -11.38 -3.80 8.65
CA ALA A 377 -12.31 -3.44 7.56
C ALA A 377 -13.35 -2.43 8.04
N PHE A 378 -13.81 -2.55 9.28
CA PHE A 378 -14.77 -1.55 9.85
C PHE A 378 -14.13 -0.18 10.08
N VAL A 379 -12.88 -0.14 10.56
CA VAL A 379 -12.21 1.14 10.95
C VAL A 379 -11.63 1.89 9.73
N MET A 380 -11.78 1.37 8.51
CA MET A 380 -11.20 2.01 7.30
C MET A 380 -12.29 2.69 6.46
N ASP A 381 -12.16 4.00 6.22
CA ASP A 381 -13.11 4.73 5.34
C ASP A 381 -12.75 4.40 3.91
N GLU A 382 -13.72 3.97 3.10
CA GLU A 382 -13.41 3.54 1.72
C GLU A 382 -13.80 4.65 0.76
N HIS A 383 -14.00 5.85 1.28
CA HIS A 383 -14.24 7.00 0.42
C HIS A 383 -13.16 8.07 0.54
N ALA A 384 -12.17 7.87 1.39
CA ALA A 384 -11.10 8.84 1.56
C ALA A 384 -10.09 8.70 0.43
N ARG A 385 -9.55 9.83 -0.02
CA ARG A 385 -8.50 9.89 -1.04
C ARG A 385 -7.32 10.69 -0.53
N GLY A 386 -6.13 10.32 -0.95
CA GLY A 386 -4.95 11.14 -0.74
C GLY A 386 -4.25 10.83 0.56
N THR A 387 -3.84 11.88 1.28
CA THR A 387 -3.09 11.69 2.51
C THR A 387 -3.91 10.99 3.58
N LEU A 388 -5.20 11.32 3.67
CA LEU A 388 -6.08 10.64 4.61
C LEU A 388 -6.05 9.13 4.38
N ARG A 389 -6.22 8.73 3.12
CA ARG A 389 -6.19 7.31 2.79
C ARG A 389 -4.84 6.68 3.05
N PHE A 390 -3.75 7.36 2.71
CA PHE A 390 -2.41 6.81 2.94
C PHE A 390 -2.07 6.70 4.42
N ILE A 391 -2.78 7.40 5.30
CA ILE A 391 -2.46 7.34 6.74
C ILE A 391 -3.30 6.22 7.35
N LYS A 392 -4.55 6.08 6.92
CA LYS A 392 -5.40 4.97 7.41
C LYS A 392 -4.81 3.63 6.98
N LEU A 393 -4.36 3.49 5.74
CA LEU A 393 -3.84 2.20 5.23
C LEU A 393 -2.55 1.82 5.93
N PHE A 394 -1.64 2.77 6.14
CA PHE A 394 -0.31 2.45 6.73
C PHE A 394 -0.43 2.02 8.18
N THR A 395 -1.39 2.54 8.95
CA THR A 395 -1.61 2.11 10.35
C THR A 395 -2.02 0.63 10.40
N GLU A 396 -2.93 0.22 9.52
CA GLU A 396 -3.32 -1.19 9.42
C GLU A 396 -2.06 -1.97 9.08
N LEU A 397 -1.26 -1.53 8.12
CA LEU A 397 -0.06 -2.30 7.69
C LEU A 397 1.00 -2.36 8.80
N SER A 398 1.08 -1.37 9.67
CA SER A 398 2.02 -1.46 10.83
C SER A 398 1.59 -2.57 11.79
N PHE A 399 0.30 -2.66 12.15
CA PHE A 399 -0.20 -3.75 13.03
C PHE A 399 -0.25 -5.12 12.34
N THR A 400 -0.71 -5.19 11.08
CA THR A 400 -0.92 -6.47 10.35
C THR A 400 0.33 -6.83 9.57
N SER A 401 1.48 -6.28 9.93
CA SER A 401 2.76 -6.63 9.27
C SER A 401 3.42 -7.82 9.97
N PHE A 402 3.15 -8.05 11.26
CA PHE A 402 3.76 -9.18 12.01
C PHE A 402 2.75 -10.31 12.26
N GLN A 403 1.74 -10.48 11.41
CA GLN A 403 0.91 -11.71 11.36
C GLN A 403 1.79 -12.85 10.86
N GLY A 404 2.70 -12.58 9.94
CA GLY A 404 3.59 -13.61 9.38
C GLY A 404 4.62 -14.14 10.34
N LEU A 405 5.21 -13.31 11.22
CA LEU A 405 6.04 -13.81 12.31
C LEU A 405 5.22 -14.58 13.33
N MET A 406 4.03 -14.07 13.66
CA MET A 406 3.19 -14.75 14.65
C MET A 406 2.78 -16.14 14.17
N VAL A 407 2.40 -16.25 12.89
CA VAL A 407 2.05 -17.57 12.35
C VAL A 407 3.26 -18.49 12.34
N ALA A 408 4.42 -17.98 11.89
CA ALA A 408 5.59 -18.84 11.80
C ALA A 408 6.12 -19.27 13.17
N ILE A 409 5.83 -18.52 14.22
CA ILE A 409 6.26 -18.93 15.55
C ILE A 409 5.21 -19.79 16.25
N LEU A 410 3.94 -19.68 15.87
CA LEU A 410 2.91 -20.53 16.48
C LEU A 410 2.81 -21.88 15.81
N TYR A 411 3.12 -21.97 14.52
CA TYR A 411 2.89 -23.20 13.77
C TYR A 411 4.16 -23.81 13.20
N CYS A 412 5.34 -23.36 13.61
CA CYS A 412 6.56 -24.06 13.22
C CYS A 412 7.62 -24.15 14.30
N PHE A 413 7.54 -23.41 15.40
CA PHE A 413 8.57 -23.44 16.43
C PHE A 413 8.07 -23.95 17.77
N VAL A 414 6.89 -23.52 18.21
CA VAL A 414 6.27 -24.09 19.41
C VAL A 414 5.47 -25.34 19.09
N ASN A 415 5.54 -25.83 17.86
CA ASN A 415 4.90 -27.08 17.49
C ASN A 415 5.59 -28.23 18.24
N ASN A 416 4.79 -29.25 18.58
CA ASN A 416 5.34 -30.38 19.33
C ASN A 416 6.22 -31.26 18.46
N GLU A 417 5.77 -31.57 17.25
CA GLU A 417 6.49 -32.53 16.42
C GLU A 417 7.78 -31.95 15.85
N VAL A 418 7.88 -30.64 15.66
CA VAL A 418 9.14 -30.09 15.18
C VAL A 418 10.20 -30.16 16.27
N GLN A 419 9.81 -29.89 17.52
CA GLN A 419 10.73 -30.07 18.63
C GLN A 419 11.14 -31.53 18.74
N LEU A 420 10.18 -32.44 18.55
CA LEU A 420 10.47 -33.86 18.58
C LEU A 420 11.47 -34.25 17.50
N GLU A 421 11.30 -33.74 16.28
CA GLU A 421 12.22 -34.06 15.19
C GLU A 421 13.61 -33.50 15.45
N PHE A 422 13.70 -32.29 16.01
CA PHE A 422 15.01 -31.74 16.36
C PHE A 422 15.70 -32.61 17.40
N ARG A 423 14.96 -33.02 18.43
CA ARG A 423 15.56 -33.88 19.45
C ARG A 423 16.02 -35.21 18.84
N LYS A 424 15.20 -35.80 17.98
CA LYS A 424 15.59 -37.04 17.31
C LYS A 424 16.85 -36.87 16.48
N SER A 425 16.96 -35.79 15.72
CA SER A 425 18.14 -35.59 14.89
C SER A 425 19.38 -35.27 15.72
N TRP A 426 19.21 -34.64 16.89
CA TRP A 426 20.38 -34.37 17.72
C TRP A 426 20.84 -35.61 18.48
N GLU A 427 19.93 -36.52 18.80
CA GLU A 427 20.36 -37.75 19.46
C GLU A 427 21.25 -38.58 18.53
N ARG A 428 20.92 -38.65 17.25
CA ARG A 428 21.75 -39.40 16.31
C ARG A 428 23.09 -38.73 16.08
N TRP A 429 23.11 -37.41 15.93
CA TRP A 429 24.36 -36.69 15.71
C TRP A 429 25.25 -36.70 16.95
N ARG A 430 24.71 -37.08 18.11
CA ARG A 430 25.54 -37.22 19.29
C ARG A 430 26.58 -38.34 19.16
N LEU A 431 26.29 -39.36 18.35
CA LEU A 431 27.13 -40.55 18.27
C LEU A 431 28.31 -40.39 17.33
N GLU A 432 28.45 -39.23 16.69
CA GLU A 432 29.60 -38.98 15.82
C GLU A 432 30.37 -37.75 16.30
#